data_3FGR
#
_entry.id   3FGR
#
_cell.length_a   148.737
_cell.length_b   89.560
_cell.length_c   64.811
_cell.angle_alpha   90.00
_cell.angle_beta   98.69
_cell.angle_gamma   90.00
#
_symmetry.space_group_name_H-M   'C 1 2 1'
#
loop_
_entity.id
_entity.type
_entity.pdbx_description
1 polymer 'Putative phospholipase B-like 2 28 kDa form'
2 polymer 'Putative phospholipase B-like 2 40 kDa form'
3 branched 2-acetamido-2-deoxy-beta-D-glucopyranose-(1-4)-2-acetamido-2-deoxy-beta-D-glucopyranose
4 non-polymer 2-acetamido-2-deoxy-beta-D-glucopyranose
5 non-polymer GLYCEROL
6 non-polymer 'ACETATE ION'
7 non-polymer XENON
8 non-polymer 'SODIUM ION'
9 water water
#
loop_
_entity_poly.entity_id
_entity_poly.type
_entity_poly.pdbx_seq_one_letter_code
_entity_poly.pdbx_strand_id
1 'polypeptide(L)'
;LPTLGPGWQRQNPDPPVSRTRSLLLDAASGQLRLEDGFHPDAVAWANLTNAIRETGWAYLDLSTNGRYNDSLQAYAAGVV
EASVSEELIYMHWMNTVVNYCGPFEYEVGYCEKLKNFLEANLEWMQREMELNPDSPYWHQVRLTLLQLKGLEDSYEGRLT
FPTGRFTIKPLGFLLLQISGDLEDLEPALNKTNTKPSLGSGS
;
A
2 'polypeptide(L)'
;(OCS)SALIKLLPGGHDLLVAHNTWNSYQNMLRIIKKYRLQFREGPQEEYPLVAGNNLVFSSYPGTIFSGDDFYILGSGL
VTLETTIGNKNPALWKYVQPQGCVLEWIRNVVANRLALDGATWADVFKRFNSGTYNNQWMIVDYKAFLPNGPSPGSRVLT
ILEQIPGMVVVADKTAELYKTTYWASYNIPYFETVFNASGLQALVAQYGDWFSYTKNPRAKIFQRDQSLVEDMDAMVRLM
RYNDFLHDPLSLCEACNPKPNAENAISARSDLNPANGSYPFQALHQRAHGGIDVKVTSFTLAKYMSMLAASGPTWDQCPP
FQWSKSPFHSMLHMGQPDLWMFSPIRVPWDGRGSHHHHHHG
;
B
#
# COMPACT_ATOMS: atom_id res chain seq x y z
N VAL A 17 22.15 11.77 7.35
CA VAL A 17 21.06 12.02 6.36
C VAL A 17 21.08 11.00 5.21
N SER A 18 22.27 10.56 4.80
CA SER A 18 22.37 9.57 3.71
C SER A 18 23.26 8.37 4.05
N ARG A 19 22.90 7.18 3.57
CA ARG A 19 23.73 6.01 3.83
C ARG A 19 23.63 5.04 2.66
N THR A 20 24.76 4.50 2.21
CA THR A 20 24.81 3.53 1.09
C THR A 20 25.51 2.25 1.54
N ARG A 21 24.93 1.11 1.20
CA ARG A 21 25.47 -0.19 1.61
CA ARG A 21 25.53 -0.17 1.56
C ARG A 21 25.35 -1.17 0.45
N SER A 22 26.34 -2.06 0.30
CA SER A 22 26.29 -3.10 -0.72
C SER A 22 26.47 -4.47 -0.05
N LEU A 23 25.83 -5.51 -0.60
CA LEU A 23 25.98 -6.87 -0.10
C LEU A 23 26.78 -7.69 -1.10
N LEU A 24 28.00 -8.07 -0.70
CA LEU A 24 28.86 -8.85 -1.56
C LEU A 24 28.80 -10.33 -1.24
N LEU A 25 29.02 -11.13 -2.26
CA LEU A 25 29.22 -12.55 -2.10
C LEU A 25 30.71 -12.86 -2.26
N ASP A 26 31.34 -13.25 -1.15
CA ASP A 26 32.75 -13.67 -1.16
C ASP A 26 32.81 -15.07 -1.74
N ALA A 27 33.21 -15.17 -3.00
CA ALA A 27 33.23 -16.47 -3.68
C ALA A 27 34.19 -17.43 -2.96
N ALA A 28 35.27 -16.88 -2.41
CA ALA A 28 36.19 -17.68 -1.60
C ALA A 28 35.41 -18.49 -0.57
N SER A 29 34.82 -17.79 0.39
CA SER A 29 34.14 -18.44 1.51
C SER A 29 32.68 -18.79 1.23
N GLY A 30 32.09 -18.16 0.23
CA GLY A 30 30.65 -18.31 -0.04
C GLY A 30 29.84 -17.58 1.02
N GLN A 31 30.48 -16.61 1.68
CA GLN A 31 29.85 -15.86 2.73
C GLN A 31 29.34 -14.56 2.15
N LEU A 32 28.16 -14.12 2.59
CA LEU A 32 27.64 -12.82 2.22
C LEU A 32 28.15 -11.79 3.22
N ARG A 33 28.54 -10.62 2.76
CA ARG A 33 29.01 -9.60 3.68
C ARG A 33 28.67 -8.20 3.20
N LEU A 34 28.24 -7.39 4.15
CA LEU A 34 27.87 -6.02 3.89
C LEU A 34 29.10 -5.17 3.87
N GLU A 35 29.16 -4.22 2.94
CA GLU A 35 30.22 -3.22 2.88
C GLU A 35 29.60 -1.84 2.75
N ASP A 36 30.25 -0.83 3.34
CA ASP A 36 29.82 0.53 3.14
C ASP A 36 30.10 0.98 1.72
N GLY A 37 29.25 1.87 1.24
CA GLY A 37 29.39 2.46 -0.07
C GLY A 37 28.88 1.62 -1.23
N PHE A 38 29.16 2.11 -2.42
CA PHE A 38 28.63 1.58 -3.63
C PHE A 38 29.61 0.62 -4.27
N HIS A 39 29.22 -0.63 -4.45
CA HIS A 39 30.07 -1.61 -5.09
C HIS A 39 29.20 -2.30 -6.14
N PRO A 40 29.18 -1.78 -7.37
CA PRO A 40 28.31 -2.34 -8.42
C PRO A 40 28.62 -3.83 -8.78
N ASP A 41 29.71 -4.38 -8.27
CA ASP A 41 29.97 -5.82 -8.33
C ASP A 41 29.12 -6.67 -7.33
N ALA A 42 28.54 -6.01 -6.35
CA ALA A 42 27.84 -6.69 -5.27
C ALA A 42 26.54 -7.33 -5.80
N VAL A 43 25.91 -8.17 -4.98
CA VAL A 43 24.62 -8.77 -5.35
C VAL A 43 23.53 -7.70 -5.36
N ALA A 44 23.63 -6.78 -4.43
CA ALA A 44 22.65 -5.67 -4.29
C ALA A 44 23.28 -4.49 -3.58
N TRP A 45 22.71 -3.30 -3.79
CA TRP A 45 23.07 -2.13 -3.04
C TRP A 45 21.86 -1.23 -2.85
N ALA A 46 21.93 -0.38 -1.84
CA ALA A 46 20.84 0.51 -1.56
C ALA A 46 21.39 1.78 -0.96
N ASN A 47 20.68 2.87 -1.17
CA ASN A 47 20.97 4.05 -0.39
C ASN A 47 19.72 4.78 0.03
N LEU A 48 19.77 5.30 1.25
CA LEU A 48 18.64 5.94 1.85
C LEU A 48 19.06 7.34 2.21
N THR A 49 18.23 8.30 1.80
CA THR A 49 18.37 9.70 2.22
C THR A 49 17.16 10.04 3.07
N ASN A 50 17.43 10.40 4.32
CA ASN A 50 16.35 10.74 5.24
C ASN A 50 16.13 12.25 5.19
N ALA A 51 15.07 12.70 4.52
CA ALA A 51 14.70 14.09 4.47
C ALA A 51 13.40 14.33 5.21
N ILE A 52 13.14 13.49 6.23
CA ILE A 52 11.86 13.56 6.92
C ILE A 52 11.67 14.92 7.59
N ARG A 53 12.71 15.43 8.24
CA ARG A 53 12.58 16.74 8.89
C ARG A 53 12.20 17.87 7.92
N GLU A 54 12.69 17.81 6.69
CA GLU A 54 12.49 18.85 5.68
C GLU A 54 11.26 18.70 4.79
N THR A 55 10.87 17.45 4.52
CA THR A 55 9.85 17.18 3.50
C THR A 55 8.79 16.18 3.95
N GLY A 56 9.02 15.55 5.10
CA GLY A 56 8.11 14.49 5.55
C GLY A 56 8.34 13.16 4.85
N TRP A 57 9.36 13.05 4.00
CA TRP A 57 9.71 11.76 3.33
C TRP A 57 11.18 11.38 3.51
N ALA A 58 11.45 10.07 3.59
CA ALA A 58 12.77 9.56 3.26
C ALA A 58 12.70 8.91 1.87
N TYR A 59 13.85 8.68 1.27
CA TYR A 59 13.91 8.14 -0.10
CA TYR A 59 13.90 8.13 -0.10
C TYR A 59 14.90 6.99 -0.13
N LEU A 60 14.47 5.87 -0.71
CA LEU A 60 15.33 4.69 -0.77
C LEU A 60 15.50 4.34 -2.23
N ASP A 61 16.74 4.10 -2.65
CA ASP A 61 16.98 3.66 -4.03
C ASP A 61 17.72 2.33 -3.90
N LEU A 62 17.25 1.29 -4.57
CA LEU A 62 17.81 -0.04 -4.33
C LEU A 62 17.95 -0.78 -5.67
N SER A 63 19.08 -1.49 -5.88
CA SER A 63 19.29 -2.19 -7.14
C SER A 63 19.80 -3.58 -6.86
N THR A 64 19.45 -4.53 -7.72
CA THR A 64 20.09 -5.85 -7.64
C THR A 64 20.87 -6.15 -8.93
N ASN A 65 21.77 -7.14 -8.83
CA ASN A 65 22.73 -7.46 -9.90
C ASN A 65 22.33 -8.77 -10.60
N GLY A 66 22.01 -8.63 -11.88
CA GLY A 66 21.51 -9.72 -12.77
C GLY A 66 22.58 -10.78 -13.03
N ARG A 67 23.81 -10.52 -12.59
CA ARG A 67 24.82 -11.56 -12.72
CA ARG A 67 24.90 -11.51 -12.63
C ARG A 67 24.62 -12.69 -11.71
N TYR A 68 23.75 -12.47 -10.71
CA TYR A 68 23.44 -13.48 -9.71
C TYR A 68 22.02 -13.99 -9.96
N ASN A 69 21.69 -15.18 -9.45
CA ASN A 69 20.37 -15.70 -9.76
C ASN A 69 19.35 -14.87 -8.97
N ASP A 70 18.08 -14.93 -9.37
CA ASP A 70 17.11 -14.01 -8.74
C ASP A 70 16.77 -14.31 -7.28
N SER A 71 16.94 -15.57 -6.86
CA SER A 71 16.72 -15.93 -5.45
C SER A 71 17.71 -15.19 -4.57
N LEU A 72 18.98 -15.22 -4.97
CA LEU A 72 20.01 -14.51 -4.21
C LEU A 72 19.79 -13.01 -4.30
N GLN A 73 19.45 -12.49 -5.48
CA GLN A 73 19.13 -11.06 -5.61
C GLN A 73 18.01 -10.64 -4.63
N ALA A 74 16.94 -11.46 -4.55
CA ALA A 74 15.80 -11.12 -3.68
C ALA A 74 16.19 -11.07 -2.20
N TYR A 75 16.91 -12.10 -1.75
CA TYR A 75 17.38 -12.14 -0.37
C TYR A 75 18.25 -10.91 -0.12
N ALA A 76 19.20 -10.65 -1.04
CA ALA A 76 20.10 -9.49 -0.91
C ALA A 76 19.37 -8.17 -0.88
N ALA A 77 18.30 -8.06 -1.67
CA ALA A 77 17.51 -6.83 -1.67
C ALA A 77 16.95 -6.55 -0.27
N GLY A 78 16.43 -7.58 0.40
CA GLY A 78 15.95 -7.40 1.77
C GLY A 78 17.08 -6.97 2.68
N VAL A 79 18.21 -7.65 2.53
CA VAL A 79 19.37 -7.37 3.40
C VAL A 79 19.81 -5.91 3.30
N VAL A 80 20.05 -5.44 2.08
CA VAL A 80 20.55 -4.07 1.93
C VAL A 80 19.51 -3.03 2.32
N GLU A 81 18.23 -3.29 2.06
CA GLU A 81 17.22 -2.38 2.52
C GLU A 81 17.28 -2.20 4.03
N ALA A 82 17.31 -3.30 4.78
CA ALA A 82 17.33 -3.23 6.25
C ALA A 82 18.60 -2.50 6.70
N SER A 83 19.71 -2.80 6.01
CA SER A 83 21.01 -2.23 6.36
CA SER A 83 20.99 -2.22 6.40
C SER A 83 21.03 -0.70 6.32
N VAL A 84 20.30 -0.08 5.41
CA VAL A 84 20.32 1.39 5.30
C VAL A 84 19.17 2.06 6.03
N SER A 85 18.24 1.26 6.53
CA SER A 85 17.08 1.82 7.20
C SER A 85 16.83 1.30 8.62
N GLU A 86 17.85 0.78 9.27
CA GLU A 86 17.66 0.11 10.58
C GLU A 86 17.02 1.01 11.61
N GLU A 87 17.46 2.25 11.72
CA GLU A 87 16.92 3.22 12.67
CA GLU A 87 16.87 3.11 12.75
C GLU A 87 15.43 3.48 12.43
N LEU A 88 15.10 3.72 11.17
CA LEU A 88 13.72 3.97 10.80
C LEU A 88 12.84 2.74 11.05
N ILE A 89 13.35 1.55 10.79
CA ILE A 89 12.60 0.31 11.07
C ILE A 89 12.28 0.20 12.57
N TYR A 90 13.29 0.47 13.39
CA TYR A 90 13.11 0.35 14.82
C TYR A 90 12.03 1.32 15.30
N MET A 91 12.14 2.57 14.89
CA MET A 91 11.17 3.56 15.29
C MET A 91 9.75 3.24 14.80
N HIS A 92 9.64 2.83 13.53
CA HIS A 92 8.32 2.46 12.98
C HIS A 92 7.72 1.27 13.73
N TRP A 93 8.55 0.27 14.06
CA TRP A 93 8.10 -0.89 14.85
C TRP A 93 7.53 -0.41 16.19
N MET A 94 8.30 0.47 16.85
CA MET A 94 7.87 0.99 18.16
C MET A 94 6.58 1.79 18.05
N ASN A 95 6.44 2.58 16.98
CA ASN A 95 5.26 3.40 16.79
C ASN A 95 3.99 2.62 16.45
N THR A 96 4.14 1.45 15.84
CA THR A 96 2.99 0.81 15.20
C THR A 96 2.61 -0.59 15.65
N VAL A 97 3.56 -1.45 15.97
CA VAL A 97 3.19 -2.86 16.25
C VAL A 97 3.85 -3.48 17.49
N VAL A 98 4.69 -2.71 18.18
CA VAL A 98 5.39 -3.25 19.36
C VAL A 98 4.44 -3.91 20.38
N ASN A 99 3.21 -3.43 20.50
CA ASN A 99 2.32 -4.06 21.47
C ASN A 99 1.43 -5.19 20.89
N TYR A 100 1.49 -5.39 19.58
CA TYR A 100 0.52 -6.28 18.93
C TYR A 100 0.81 -7.75 19.23
N CYS A 101 -0.10 -8.42 19.92
CA CYS A 101 0.12 -9.80 20.33
C CYS A 101 1.45 -10.01 21.12
N GLY A 102 1.75 -9.06 22.00
CA GLY A 102 2.97 -9.12 22.83
C GLY A 102 2.87 -10.11 23.98
N PRO A 103 3.93 -10.22 24.80
CA PRO A 103 3.96 -11.17 25.94
C PRO A 103 2.87 -10.95 26.99
N PHE A 104 2.33 -9.74 27.10
CA PHE A 104 1.34 -9.46 28.14
C PHE A 104 -0.08 -9.31 27.60
N GLU A 105 -0.26 -9.74 26.35
CA GLU A 105 -1.55 -9.58 25.71
CA GLU A 105 -1.53 -9.72 25.63
C GLU A 105 -2.70 -10.27 26.45
N TYR A 106 -3.78 -9.51 26.63
CA TYR A 106 -4.97 -10.04 27.29
C TYR A 106 -5.73 -11.03 26.37
N GLU A 107 -5.80 -10.73 25.07
CA GLU A 107 -6.52 -11.56 24.10
C GLU A 107 -5.72 -12.78 23.64
N VAL A 108 -5.38 -13.65 24.59
CA VAL A 108 -4.49 -14.79 24.34
C VAL A 108 -5.15 -15.77 23.35
N GLY A 109 -6.47 -15.86 23.43
CA GLY A 109 -7.23 -16.65 22.50
C GLY A 109 -6.97 -16.20 21.06
N TYR A 110 -7.19 -14.91 20.79
CA TYR A 110 -7.00 -14.38 19.43
C TYR A 110 -5.55 -14.52 18.98
N CYS A 111 -4.62 -14.15 19.85
CA CYS A 111 -3.22 -14.19 19.44
C CYS A 111 -2.76 -15.60 19.10
N GLU A 112 -3.25 -16.59 19.84
CA GLU A 112 -2.93 -17.96 19.53
C GLU A 112 -3.51 -18.38 18.19
N LYS A 113 -4.76 -18.00 17.94
CA LYS A 113 -5.41 -18.30 16.65
C LYS A 113 -4.68 -17.65 15.49
N LEU A 114 -4.26 -16.39 15.70
CA LEU A 114 -3.54 -15.67 14.65
C LEU A 114 -2.22 -16.36 14.36
N LYS A 115 -1.48 -16.67 15.42
CA LYS A 115 -0.19 -17.31 15.22
C LYS A 115 -0.36 -18.64 14.50
N ASN A 116 -1.38 -19.41 14.88
CA ASN A 116 -1.60 -20.70 14.27
C ASN A 116 -1.94 -20.54 12.76
N PHE A 117 -2.76 -19.52 12.48
CA PHE A 117 -3.21 -19.24 11.10
C PHE A 117 -1.98 -18.89 10.28
N LEU A 118 -1.18 -17.94 10.78
CA LEU A 118 0.01 -17.50 10.01
C LEU A 118 1.03 -18.63 9.84
N GLU A 119 1.30 -19.37 10.91
CA GLU A 119 2.24 -20.49 10.76
C GLU A 119 1.76 -21.53 9.71
N ALA A 120 0.46 -21.83 9.73
CA ALA A 120 -0.07 -22.81 8.77
C ALA A 120 -0.02 -22.25 7.33
N ASN A 121 -0.30 -20.96 7.21
CA ASN A 121 -0.28 -20.32 5.86
C ASN A 121 1.14 -20.28 5.30
N LEU A 122 2.11 -19.93 6.14
CA LEU A 122 3.52 -19.92 5.72
C LEU A 122 3.97 -21.34 5.36
N GLU A 123 3.57 -22.32 6.17
CA GLU A 123 3.95 -23.69 5.88
C GLU A 123 3.35 -24.16 4.54
N TRP A 124 2.08 -23.80 4.32
CA TRP A 124 1.37 -24.18 3.09
C TRP A 124 2.15 -23.59 1.89
N MET A 125 2.55 -22.33 1.95
CA MET A 125 3.35 -21.77 0.87
C MET A 125 4.66 -22.49 0.65
N GLN A 126 5.37 -22.81 1.74
CA GLN A 126 6.66 -23.55 1.62
C GLN A 126 6.40 -24.90 0.94
N ARG A 127 5.32 -25.58 1.33
CA ARG A 127 5.00 -26.86 0.69
C ARG A 127 4.71 -26.71 -0.80
N GLU A 128 3.91 -25.69 -1.16
CA GLU A 128 3.60 -25.46 -2.58
C GLU A 128 4.88 -25.22 -3.36
N MET A 129 5.84 -24.49 -2.77
CA MET A 129 7.07 -24.23 -3.50
C MET A 129 7.84 -25.51 -3.74
N GLU A 130 7.90 -26.35 -2.71
CA GLU A 130 8.62 -27.63 -2.80
C GLU A 130 7.96 -28.54 -3.85
N LEU A 131 6.63 -28.56 -3.85
CA LEU A 131 5.83 -29.35 -4.77
C LEU A 131 5.77 -28.83 -6.20
N ASN A 132 6.23 -27.60 -6.42
CA ASN A 132 6.10 -26.95 -7.73
C ASN A 132 7.34 -26.18 -8.10
N PRO A 133 8.49 -26.89 -8.17
CA PRO A 133 9.74 -26.16 -8.40
C PRO A 133 9.78 -25.53 -9.80
N ASP A 134 8.91 -25.95 -10.72
CA ASP A 134 8.93 -25.32 -12.06
C ASP A 134 7.87 -24.27 -12.30
N SER A 135 7.08 -23.92 -11.26
CA SER A 135 5.99 -22.94 -11.40
C SER A 135 6.49 -21.49 -11.38
N PRO A 136 6.18 -20.70 -12.42
CA PRO A 136 6.50 -19.23 -12.34
C PRO A 136 5.79 -18.53 -11.20
N TYR A 137 4.53 -18.89 -10.97
CA TYR A 137 3.76 -18.25 -9.88
C TYR A 137 4.47 -18.47 -8.56
N TRP A 138 4.76 -19.72 -8.23
CA TRP A 138 5.37 -20.01 -6.94
C TRP A 138 6.81 -19.51 -6.88
N HIS A 139 7.47 -19.38 -8.03
CA HIS A 139 8.80 -18.71 -8.06
C HIS A 139 8.68 -17.25 -7.58
N GLN A 140 7.65 -16.56 -8.05
CA GLN A 140 7.48 -15.13 -7.65
C GLN A 140 7.12 -15.04 -6.18
N VAL A 141 6.35 -16.00 -5.67
CA VAL A 141 6.02 -15.97 -4.24
C VAL A 141 7.29 -16.20 -3.42
N ARG A 142 8.12 -17.14 -3.87
CA ARG A 142 9.36 -17.42 -3.16
C ARG A 142 10.28 -16.19 -3.14
N LEU A 143 10.40 -15.50 -4.28
CA LEU A 143 11.20 -14.26 -4.29
C LEU A 143 10.72 -13.24 -3.25
N THR A 144 9.41 -13.12 -3.12
CA THR A 144 8.84 -12.14 -2.18
C THR A 144 9.22 -12.54 -0.76
N LEU A 145 9.05 -13.83 -0.44
CA LEU A 145 9.35 -14.25 0.91
C LEU A 145 10.87 -14.23 1.20
N LEU A 146 11.70 -14.48 0.19
CA LEU A 146 13.18 -14.36 0.38
C LEU A 146 13.55 -12.94 0.74
N GLN A 147 12.91 -11.96 0.09
CA GLN A 147 13.19 -10.55 0.41
C GLN A 147 12.80 -10.24 1.86
N LEU A 148 11.63 -10.74 2.28
CA LEU A 148 11.23 -10.58 3.67
C LEU A 148 12.27 -11.25 4.63
N LYS A 149 12.68 -12.47 4.32
CA LYS A 149 13.68 -13.18 5.15
CA LYS A 149 13.68 -13.17 5.15
C LYS A 149 14.98 -12.38 5.25
N GLY A 150 15.45 -11.82 4.12
CA GLY A 150 16.71 -11.02 4.12
C GLY A 150 16.57 -9.74 4.92
N LEU A 151 15.40 -9.10 4.84
CA LEU A 151 15.14 -7.91 5.65
C LEU A 151 15.28 -8.20 7.16
N GLU A 152 14.60 -9.25 7.60
CA GLU A 152 14.63 -9.60 9.01
C GLU A 152 16.03 -10.08 9.43
N ASP A 153 16.64 -10.95 8.63
CA ASP A 153 17.97 -11.51 8.98
C ASP A 153 18.99 -10.36 9.13
N SER A 154 18.96 -9.42 8.19
CA SER A 154 19.88 -8.29 8.21
C SER A 154 19.63 -7.38 9.42
N TYR A 155 18.36 -7.14 9.75
CA TYR A 155 18.05 -6.35 10.92
C TYR A 155 18.58 -7.03 12.18
N GLU A 156 18.52 -8.35 12.22
CA GLU A 156 18.97 -9.12 13.40
C GLU A 156 20.48 -9.34 13.36
N GLY A 157 21.11 -8.97 12.25
CA GLY A 157 22.58 -9.02 12.13
C GLY A 157 23.17 -10.39 11.85
N ARG A 158 22.39 -11.31 11.30
CA ARG A 158 22.93 -12.63 10.95
CA ARG A 158 22.91 -12.65 10.99
C ARG A 158 22.30 -13.18 9.72
N LEU A 159 23.12 -13.20 8.66
CA LEU A 159 22.71 -13.61 7.32
C LEU A 159 22.78 -15.11 7.10
N THR A 160 21.72 -15.67 6.51
CA THR A 160 21.72 -17.08 6.11
CA THR A 160 21.67 -17.08 6.15
C THR A 160 20.79 -17.26 4.91
N PHE A 161 21.41 -17.37 3.75
CA PHE A 161 20.65 -17.53 2.52
C PHE A 161 20.14 -18.96 2.40
N PRO A 162 18.81 -19.15 2.31
CA PRO A 162 18.31 -20.50 2.17
C PRO A 162 18.25 -20.99 0.72
N THR A 163 18.66 -22.22 0.51
CA THR A 163 18.61 -22.82 -0.83
CA THR A 163 18.59 -22.80 -0.83
C THR A 163 17.37 -23.72 -0.98
N GLY A 164 16.67 -23.98 0.11
CA GLY A 164 15.48 -24.82 0.09
C GLY A 164 14.41 -24.19 0.96
N ARG A 165 13.76 -24.99 1.81
CA ARG A 165 12.72 -24.38 2.62
C ARG A 165 13.29 -23.47 3.71
N PHE A 166 12.48 -22.52 4.15
CA PHE A 166 12.88 -21.61 5.21
C PHE A 166 11.66 -21.19 6.00
N THR A 167 11.89 -20.74 7.24
CA THR A 167 10.80 -20.45 8.16
C THR A 167 10.70 -18.95 8.40
N ILE A 168 9.62 -18.34 7.98
CA ILE A 168 9.39 -16.95 8.32
C ILE A 168 8.70 -16.94 9.70
N LYS A 169 9.17 -16.10 10.62
CA LYS A 169 8.51 -15.96 11.95
C LYS A 169 7.13 -15.31 11.78
N PRO A 170 6.08 -15.92 12.37
CA PRO A 170 4.76 -15.33 12.13
C PRO A 170 4.60 -13.88 12.68
N LEU A 171 5.28 -13.54 13.78
CA LEU A 171 5.10 -12.24 14.40
C LEU A 171 6.39 -11.39 14.38
N GLY A 172 7.26 -11.67 13.41
CA GLY A 172 8.43 -10.82 13.16
C GLY A 172 8.10 -9.74 12.15
N PHE A 173 9.02 -9.49 11.21
CA PHE A 173 8.78 -8.47 10.20
C PHE A 173 7.59 -8.80 9.30
N LEU A 174 7.13 -10.06 9.31
CA LEU A 174 5.84 -10.31 8.62
C LEU A 174 4.74 -9.33 9.12
N LEU A 175 4.76 -8.97 10.39
CA LEU A 175 3.73 -8.08 10.93
CA LEU A 175 3.74 -8.06 10.94
C LEU A 175 3.73 -6.70 10.27
N LEU A 176 4.89 -6.22 9.84
CA LEU A 176 4.95 -4.97 9.08
C LEU A 176 4.30 -5.09 7.70
N GLN A 177 4.18 -6.31 7.19
CA GLN A 177 3.62 -6.46 5.83
C GLN A 177 2.11 -6.69 5.89
N ILE A 178 1.60 -7.21 7.01
CA ILE A 178 0.19 -7.69 7.03
C ILE A 178 -0.78 -6.70 7.71
N SER A 179 -0.41 -5.42 7.89
CA SER A 179 -1.32 -4.48 8.55
CA SER A 179 -1.32 -4.49 8.57
C SER A 179 -2.68 -4.44 7.87
N GLY A 180 -2.66 -4.45 6.52
CA GLY A 180 -3.92 -4.40 5.77
C GLY A 180 -4.69 -5.73 5.86
N ASP A 181 -3.94 -6.83 5.75
CA ASP A 181 -4.54 -8.18 5.85
C ASP A 181 -5.17 -8.37 7.21
N LEU A 182 -4.56 -7.77 8.24
CA LEU A 182 -5.09 -7.91 9.60
C LEU A 182 -6.46 -7.25 9.79
N GLU A 183 -6.78 -6.25 8.99
CA GLU A 183 -8.09 -5.61 9.10
C GLU A 183 -9.20 -6.64 8.94
N ASP A 184 -8.92 -7.66 8.14
CA ASP A 184 -9.90 -8.75 7.93
C ASP A 184 -9.59 -10.00 8.73
N LEU A 185 -8.32 -10.29 8.96
CA LEU A 185 -7.99 -11.46 9.78
C LEU A 185 -8.54 -11.33 11.19
N GLU A 186 -8.50 -10.13 11.74
CA GLU A 186 -9.08 -9.93 13.08
C GLU A 186 -10.54 -10.41 13.20
N PRO A 187 -11.49 -9.84 12.44
CA PRO A 187 -12.88 -10.36 12.53
C PRO A 187 -13.02 -11.80 12.07
N ALA A 188 -12.21 -12.22 11.11
CA ALA A 188 -12.32 -13.58 10.63
C ALA A 188 -11.91 -14.57 11.75
N LEU A 189 -11.03 -14.15 12.65
CA LEU A 189 -10.57 -14.99 13.74
C LEU A 189 -11.30 -14.62 15.04
N ASN A 190 -12.39 -13.87 14.88
CA ASN A 190 -13.27 -13.48 15.99
C ASN A 190 -12.62 -12.63 17.09
N LYS A 191 -11.75 -11.71 16.70
CA LYS A 191 -11.14 -10.80 17.67
C LYS A 191 -12.20 -9.84 18.22
N THR A 192 -12.07 -9.49 19.50
CA THR A 192 -12.97 -8.51 20.15
C THR A 192 -12.22 -7.22 20.46
N GLY A 199 -6.62 0.82 10.93
CA GLY A 199 -5.53 1.03 9.99
C GLY A 199 -5.91 1.87 8.77
N SER A 200 -5.50 1.43 7.59
CA SER A 200 -5.82 2.15 6.34
C SER A 200 -7.28 1.94 5.95
N GLY A 201 -7.94 2.99 5.48
CA GLY A 201 -9.36 2.94 5.14
C GLY A 201 -10.05 4.12 5.79
N SER A 202 -11.38 4.14 5.76
CA SER A 202 -12.15 5.25 6.39
C SER A 202 -11.77 5.53 7.86
N SER B 2 -8.60 7.97 -0.54
CA SER B 2 -9.33 8.54 -1.64
C SER B 2 -8.40 8.44 -2.88
N ALA B 3 -8.97 8.24 -4.06
CA ALA B 3 -8.15 8.19 -5.30
C ALA B 3 -8.97 8.80 -6.42
N LEU B 4 -8.27 9.36 -7.39
CA LEU B 4 -8.92 9.97 -8.55
C LEU B 4 -8.04 9.76 -9.75
N ILE B 5 -8.68 9.27 -10.83
CA ILE B 5 -8.05 9.15 -12.13
C ILE B 5 -8.82 10.16 -12.99
N LYS B 6 -8.11 11.09 -13.61
CA LYS B 6 -8.80 12.22 -14.28
C LYS B 6 -8.25 12.39 -15.68
N LEU B 7 -9.12 12.32 -16.67
CA LEU B 7 -8.79 12.64 -18.06
C LEU B 7 -8.92 14.15 -18.19
N LEU B 8 -7.84 14.84 -18.53
CA LEU B 8 -7.89 16.31 -18.63
C LEU B 8 -8.67 16.69 -19.89
N PRO B 9 -9.18 17.93 -19.95
CA PRO B 9 -9.94 18.39 -21.12
C PRO B 9 -9.19 18.07 -22.42
N GLY B 10 -9.93 17.66 -23.43
CA GLY B 10 -9.37 17.36 -24.75
C GLY B 10 -8.52 16.09 -24.71
N GLY B 11 -8.57 15.36 -23.59
CA GLY B 11 -7.72 14.16 -23.44
C GLY B 11 -6.24 14.52 -23.39
N HIS B 12 -5.90 15.74 -22.93
CA HIS B 12 -4.52 16.23 -23.02
C HIS B 12 -3.56 15.43 -22.15
N ASP B 13 -4.09 14.85 -21.08
CA ASP B 13 -3.25 14.09 -20.15
C ASP B 13 -4.19 13.21 -19.34
N LEU B 14 -3.63 12.28 -18.58
CA LEU B 14 -4.42 11.39 -17.75
C LEU B 14 -3.67 11.36 -16.40
N LEU B 15 -4.26 11.97 -15.37
CA LEU B 15 -3.60 12.11 -14.08
C LEU B 15 -4.12 11.01 -13.16
N VAL B 16 -3.26 10.49 -12.30
CA VAL B 16 -3.65 9.44 -11.37
C VAL B 16 -3.16 9.90 -10.00
N ALA B 17 -4.07 9.93 -9.02
CA ALA B 17 -3.69 10.41 -7.66
C ALA B 17 -4.29 9.54 -6.56
N HIS B 18 -3.61 9.49 -5.43
CA HIS B 18 -4.06 8.63 -4.31
C HIS B 18 -3.70 9.34 -3.02
N ASN B 19 -4.61 9.32 -2.06
CA ASN B 19 -4.38 9.94 -0.74
C ASN B 19 -4.64 8.84 0.28
N THR B 20 -3.58 8.41 0.95
CA THR B 20 -3.69 7.34 1.94
C THR B 20 -4.35 7.85 3.20
N TRP B 21 -5.35 7.13 3.73
CA TRP B 21 -5.83 7.47 5.07
C TRP B 21 -5.29 6.42 6.01
N ASN B 22 -4.72 6.85 7.12
CA ASN B 22 -4.12 5.87 8.03
C ASN B 22 -4.02 6.53 9.38
N SER B 23 -3.59 5.76 10.37
CA SER B 23 -3.33 6.32 11.69
C SER B 23 -2.11 7.20 11.61
N TYR B 24 -2.16 8.29 12.37
CA TYR B 24 -1.07 9.24 12.39
C TYR B 24 0.24 8.66 12.92
N GLN B 25 0.15 7.63 13.78
CA GLN B 25 1.39 7.04 14.29
C GLN B 25 2.16 6.32 13.16
N ASN B 26 1.54 6.13 11.98
CA ASN B 26 2.22 5.44 10.87
C ASN B 26 3.01 6.35 9.95
N MET B 27 3.08 7.64 10.28
CA MET B 27 3.70 8.64 9.40
C MET B 27 5.24 8.73 9.41
N LEU B 28 5.92 7.60 9.46
CA LEU B 28 7.32 7.56 8.99
C LEU B 28 7.28 6.97 7.58
N ARG B 29 7.72 7.75 6.60
CA ARG B 29 7.42 7.42 5.21
C ARG B 29 8.68 7.29 4.41
N ILE B 30 8.68 6.32 3.51
CA ILE B 30 9.82 6.18 2.61
C ILE B 30 9.24 6.00 1.20
N ILE B 31 9.67 6.83 0.26
CA ILE B 31 9.39 6.58 -1.16
C ILE B 31 10.51 5.68 -1.69
N LYS B 32 10.15 4.56 -2.30
CA LYS B 32 11.16 3.54 -2.62
C LYS B 32 11.23 3.35 -4.12
N LYS B 33 12.45 3.24 -4.64
CA LYS B 33 12.66 2.96 -6.07
C LYS B 33 13.43 1.66 -6.10
N TYR B 34 12.85 0.62 -6.70
CA TYR B 34 13.56 -0.65 -6.85
C TYR B 34 13.94 -0.86 -8.32
N ARG B 35 15.18 -1.29 -8.57
CA ARG B 35 15.57 -1.71 -9.91
C ARG B 35 16.11 -3.12 -9.80
N LEU B 36 15.24 -4.10 -10.11
CA LEU B 36 15.55 -5.50 -9.87
C LEU B 36 15.91 -6.19 -11.17
N GLN B 37 16.38 -7.44 -11.08
CA GLN B 37 16.63 -8.23 -12.30
C GLN B 37 16.04 -9.63 -12.15
N PHE B 38 14.79 -9.69 -11.71
CA PHE B 38 14.14 -10.98 -11.50
C PHE B 38 13.62 -11.54 -12.82
N ARG B 39 13.47 -12.87 -12.88
CA ARG B 39 12.94 -13.53 -14.08
C ARG B 39 11.57 -14.11 -13.77
N GLU B 40 10.81 -14.39 -14.84
CA GLU B 40 9.42 -14.83 -14.68
C GLU B 40 9.36 -16.19 -14.03
N GLY B 41 10.40 -16.99 -14.24
CA GLY B 41 10.35 -18.35 -13.75
C GLY B 41 11.69 -18.78 -13.19
N PRO B 42 11.74 -19.99 -12.61
CA PRO B 42 12.87 -20.47 -11.84
C PRO B 42 14.08 -20.91 -12.63
N GLN B 43 14.06 -20.69 -13.94
CA GLN B 43 15.20 -21.06 -14.79
C GLN B 43 15.71 -19.79 -15.52
N GLU B 44 17.03 -19.72 -15.76
CA GLU B 44 17.65 -18.56 -16.41
C GLU B 44 17.09 -18.28 -17.80
N GLU B 45 16.50 -19.28 -18.44
CA GLU B 45 15.87 -19.14 -19.76
C GLU B 45 14.62 -18.28 -19.77
N TYR B 46 13.94 -18.16 -18.63
CA TYR B 46 12.75 -17.31 -18.56
C TYR B 46 13.12 -15.86 -18.82
N PRO B 47 12.22 -15.10 -19.44
CA PRO B 47 12.41 -13.66 -19.65
C PRO B 47 12.47 -12.93 -18.31
N LEU B 48 13.12 -11.77 -18.31
CA LEU B 48 13.01 -10.86 -17.17
C LEU B 48 11.54 -10.46 -16.96
N VAL B 49 11.11 -10.30 -15.70
CA VAL B 49 9.72 -9.89 -15.44
C VAL B 49 9.44 -8.48 -16.00
N ALA B 50 8.17 -8.18 -16.23
CA ALA B 50 7.77 -6.88 -16.78
C ALA B 50 7.95 -5.76 -15.78
N GLY B 51 7.79 -6.09 -14.49
CA GLY B 51 7.81 -5.11 -13.40
C GLY B 51 9.11 -5.06 -12.62
N ASN B 52 10.28 -5.17 -13.27
CA ASN B 52 11.54 -5.08 -12.52
C ASN B 52 11.86 -3.70 -11.98
N ASN B 53 11.29 -2.67 -12.59
CA ASN B 53 11.55 -1.30 -12.09
C ASN B 53 10.26 -0.76 -11.50
N LEU B 54 10.33 -0.20 -10.31
CA LEU B 54 9.09 0.32 -9.71
C LEU B 54 9.44 1.40 -8.71
N VAL B 55 8.54 2.35 -8.57
CA VAL B 55 8.66 3.42 -7.57
CA VAL B 55 8.68 3.36 -7.55
C VAL B 55 7.34 3.42 -6.84
N PHE B 56 7.39 3.51 -5.51
CA PHE B 56 6.14 3.42 -4.76
C PHE B 56 6.23 4.10 -3.39
N SER B 57 5.10 4.58 -2.89
CA SER B 57 5.09 5.16 -1.55
C SER B 57 5.04 4.02 -0.53
N SER B 58 5.79 4.13 0.57
CA SER B 58 5.93 3.00 1.48
C SER B 58 6.31 3.47 2.92
N TYR B 59 6.86 2.55 3.70
CA TYR B 59 7.09 2.74 5.14
C TYR B 59 8.35 1.95 5.47
N PRO B 60 9.01 2.26 6.61
CA PRO B 60 10.19 1.48 6.97
C PRO B 60 9.85 -0.01 7.15
N GLY B 61 10.69 -0.87 6.60
CA GLY B 61 10.62 -2.31 6.84
C GLY B 61 9.46 -2.98 6.10
N THR B 62 8.82 -2.26 5.16
CA THR B 62 7.58 -2.73 4.51
C THR B 62 7.95 -2.89 3.04
N ILE B 63 7.95 -4.12 2.54
CA ILE B 63 8.52 -4.35 1.21
C ILE B 63 7.46 -4.29 0.10
N PHE B 64 6.42 -3.49 0.34
CA PHE B 64 5.45 -3.17 -0.69
C PHE B 64 4.89 -1.82 -0.27
N SER B 65 3.86 -1.35 -0.95
CA SER B 65 3.38 -0.01 -0.66
C SER B 65 2.54 0.02 0.62
N GLY B 66 1.41 -0.67 0.66
CA GLY B 66 0.48 -0.59 1.81
C GLY B 66 -0.55 0.51 1.59
N ASP B 67 -0.18 1.53 0.79
CA ASP B 67 -1.11 2.66 0.55
C ASP B 67 -2.42 2.35 -0.20
N ASP B 68 -2.39 1.77 -1.41
CA ASP B 68 -1.17 1.43 -2.20
C ASP B 68 -1.08 2.34 -3.41
N PHE B 69 0.15 2.63 -3.82
CA PHE B 69 0.36 3.44 -5.04
C PHE B 69 1.72 3.04 -5.62
N TYR B 70 1.73 2.54 -6.88
CA TYR B 70 2.95 2.06 -7.53
C TYR B 70 2.98 2.63 -8.95
N ILE B 71 4.17 3.05 -9.38
CA ILE B 71 4.41 3.34 -10.81
C ILE B 71 5.38 2.26 -11.26
N LEU B 72 4.95 1.46 -12.23
CA LEU B 72 5.71 0.30 -12.71
C LEU B 72 6.39 0.56 -14.05
N GLY B 73 7.57 -0.03 -14.24
CA GLY B 73 8.31 0.14 -15.49
C GLY B 73 7.64 -0.51 -16.68
N SER B 74 6.62 -1.34 -16.42
CA SER B 74 5.78 -1.94 -17.45
C SER B 74 4.80 -0.92 -18.07
N GLY B 75 4.81 0.31 -17.56
CA GLY B 75 3.87 1.33 -18.04
C GLY B 75 2.55 1.34 -17.28
N LEU B 76 2.46 0.57 -16.18
CA LEU B 76 1.20 0.52 -15.42
C LEU B 76 1.34 1.41 -14.18
N VAL B 77 0.22 1.96 -13.71
CA VAL B 77 0.21 2.53 -12.37
C VAL B 77 -0.89 1.76 -11.63
N THR B 78 -0.58 1.29 -10.43
CA THR B 78 -1.59 0.49 -9.70
C THR B 78 -1.85 1.13 -8.33
N LEU B 79 -3.10 1.16 -7.93
CA LEU B 79 -3.47 1.85 -6.69
C LEU B 79 -4.78 1.31 -6.22
N GLU B 80 -5.10 1.50 -4.93
CA GLU B 80 -6.38 0.94 -4.45
C GLU B 80 -6.93 1.77 -3.33
N THR B 81 -8.23 1.63 -3.06
CA THR B 81 -8.75 2.07 -1.77
C THR B 81 -9.43 0.85 -1.18
N THR B 82 -9.42 0.77 0.14
CA THR B 82 -9.88 -0.42 0.85
C THR B 82 -11.41 -0.46 1.00
N ILE B 83 -12.01 -1.61 0.67
CA ILE B 83 -13.48 -1.74 0.78
C ILE B 83 -13.91 -2.58 2.00
N GLY B 84 -13.05 -3.49 2.46
CA GLY B 84 -13.34 -4.34 3.63
C GLY B 84 -14.50 -5.29 3.32
N ASN B 85 -15.05 -5.87 4.38
CA ASN B 85 -16.20 -6.77 4.26
C ASN B 85 -16.99 -6.65 5.54
N LYS B 86 -18.30 -6.50 5.42
CA LYS B 86 -19.19 -6.42 6.59
C LYS B 86 -20.10 -7.65 6.74
N ASN B 87 -19.92 -8.65 5.89
CA ASN B 87 -20.79 -9.84 5.93
C ASN B 87 -20.03 -11.02 6.57
N PRO B 88 -20.38 -11.34 7.84
CA PRO B 88 -19.64 -12.37 8.57
C PRO B 88 -19.78 -13.75 7.95
N ALA B 89 -20.79 -13.96 7.10
CA ALA B 89 -20.92 -15.26 6.43
C ALA B 89 -19.82 -15.54 5.42
N LEU B 90 -18.98 -14.54 5.12
CA LEU B 90 -17.94 -14.72 4.13
C LEU B 90 -16.60 -15.05 4.77
N TRP B 91 -16.51 -14.93 6.10
CA TRP B 91 -15.23 -15.20 6.76
C TRP B 91 -14.77 -16.65 6.63
N LYS B 92 -15.72 -17.55 6.36
CA LYS B 92 -15.34 -18.94 6.13
C LYS B 92 -14.42 -19.09 4.91
N TYR B 93 -14.42 -18.10 4.00
CA TYR B 93 -13.49 -18.16 2.85
C TYR B 93 -12.06 -17.69 3.14
N VAL B 94 -11.82 -17.25 4.37
CA VAL B 94 -10.48 -16.87 4.77
C VAL B 94 -9.88 -18.14 5.42
N GLN B 95 -8.92 -18.78 4.74
CA GLN B 95 -8.33 -20.07 5.20
C GLN B 95 -6.83 -20.00 5.08
N PRO B 96 -6.09 -20.73 5.94
CA PRO B 96 -4.65 -20.66 5.83
C PRO B 96 -4.11 -21.45 4.64
N GLN B 97 -4.84 -22.47 4.18
CA GLN B 97 -4.37 -23.21 3.00
C GLN B 97 -5.22 -22.80 1.81
N GLY B 98 -4.57 -22.48 0.69
CA GLY B 98 -5.31 -22.12 -0.51
C GLY B 98 -5.52 -20.62 -0.65
N CYS B 99 -4.88 -19.85 0.23
CA CYS B 99 -5.00 -18.37 0.26
C CYS B 99 -3.60 -17.79 0.38
N VAL B 100 -3.26 -16.83 -0.50
CA VAL B 100 -1.99 -16.11 -0.39
C VAL B 100 -2.37 -14.69 0.13
N LEU B 101 -1.66 -14.20 1.15
CA LEU B 101 -2.00 -12.91 1.73
C LEU B 101 -1.89 -11.83 0.67
N GLU B 102 -2.70 -10.79 0.86
CA GLU B 102 -2.90 -9.82 -0.21
C GLU B 102 -1.60 -9.13 -0.56
N TRP B 103 -0.76 -8.84 0.43
CA TRP B 103 0.45 -8.08 0.13
C TRP B 103 1.32 -8.85 -0.85
N ILE B 104 1.38 -10.18 -0.71
CA ILE B 104 2.15 -10.99 -1.65
C ILE B 104 1.50 -10.98 -3.04
N ARG B 105 0.18 -11.20 -3.11
CA ARG B 105 -0.51 -11.20 -4.41
C ARG B 105 -0.29 -9.88 -5.15
N ASN B 106 -0.30 -8.78 -4.40
CA ASN B 106 -0.06 -7.45 -4.97
C ASN B 106 1.36 -7.37 -5.56
N VAL B 107 2.35 -7.81 -4.80
CA VAL B 107 3.74 -7.71 -5.27
C VAL B 107 3.95 -8.58 -6.52
N VAL B 108 3.40 -9.81 -6.47
CA VAL B 108 3.55 -10.74 -7.60
C VAL B 108 2.84 -10.20 -8.85
N ALA B 109 1.60 -9.73 -8.70
CA ALA B 109 0.89 -9.12 -9.84
C ALA B 109 1.66 -7.93 -10.41
N ASN B 110 2.20 -7.06 -9.55
CA ASN B 110 2.96 -5.91 -10.04
C ASN B 110 4.19 -6.33 -10.82
N ARG B 111 4.79 -7.45 -10.42
CA ARG B 111 6.00 -7.92 -11.10
C ARG B 111 5.69 -8.54 -12.45
N LEU B 112 4.60 -9.31 -12.57
CA LEU B 112 4.40 -10.13 -13.77
C LEU B 112 3.57 -9.44 -14.84
N ALA B 113 2.67 -8.54 -14.43
CA ALA B 113 1.71 -7.95 -15.37
C ALA B 113 2.33 -7.14 -16.50
N LEU B 114 1.81 -7.33 -17.70
CA LEU B 114 2.12 -6.47 -18.84
C LEU B 114 1.00 -5.45 -19.07
N ASP B 115 -0.19 -5.73 -18.54
CA ASP B 115 -1.38 -4.93 -18.83
C ASP B 115 -2.38 -5.18 -17.73
N GLY B 116 -3.50 -4.46 -17.76
CA GLY B 116 -4.51 -4.52 -16.68
C GLY B 116 -5.13 -5.91 -16.57
N ALA B 117 -5.45 -6.51 -17.71
CA ALA B 117 -6.06 -7.85 -17.70
C ALA B 117 -5.15 -8.89 -17.02
N THR B 118 -3.86 -8.85 -17.37
CA THR B 118 -2.94 -9.82 -16.79
CA THR B 118 -2.89 -9.79 -16.80
C THR B 118 -2.70 -9.55 -15.30
N TRP B 119 -2.63 -8.26 -14.93
CA TRP B 119 -2.49 -7.92 -13.49
C TRP B 119 -3.62 -8.59 -12.72
N ALA B 120 -4.85 -8.45 -13.23
CA ALA B 120 -6.03 -8.97 -12.54
C ALA B 120 -5.99 -10.50 -12.45
N ASP B 121 -5.58 -11.11 -13.57
CA ASP B 121 -5.49 -12.58 -13.67
CA ASP B 121 -5.51 -12.57 -13.67
C ASP B 121 -4.54 -13.12 -12.62
N VAL B 122 -3.39 -12.45 -12.44
CA VAL B 122 -2.41 -12.91 -11.46
C VAL B 122 -2.87 -12.64 -10.03
N PHE B 123 -3.39 -11.45 -9.82
CA PHE B 123 -3.71 -11.03 -8.47
C PHE B 123 -4.83 -11.87 -7.88
N LYS B 124 -5.78 -12.30 -8.71
CA LYS B 124 -6.94 -12.90 -8.13
C LYS B 124 -6.73 -14.35 -7.74
N ARG B 125 -5.60 -14.93 -8.13
CA ARG B 125 -5.34 -16.33 -7.72
C ARG B 125 -5.17 -16.48 -6.21
N PHE B 126 -5.73 -17.56 -5.63
CA PHE B 126 -5.58 -17.81 -4.20
C PHE B 126 -6.04 -16.58 -3.39
N ASN B 127 -7.17 -16.02 -3.77
CA ASN B 127 -7.72 -14.85 -3.09
C ASN B 127 -7.90 -15.17 -1.61
N SER B 128 -7.25 -14.38 -0.75
CA SER B 128 -7.29 -14.59 0.71
C SER B 128 -8.53 -14.07 1.41
N GLY B 129 -9.26 -13.16 0.76
CA GLY B 129 -10.37 -12.50 1.39
C GLY B 129 -9.88 -11.56 2.50
N THR B 130 -8.61 -11.17 2.42
CA THR B 130 -8.03 -10.23 3.41
C THR B 130 -7.40 -9.04 2.68
N TYR B 131 -7.39 -7.89 3.37
CA TYR B 131 -7.11 -6.57 2.75
C TYR B 131 -7.94 -6.41 1.47
N ASN B 132 -9.25 -6.43 1.67
CA ASN B 132 -10.24 -6.42 0.58
C ASN B 132 -10.33 -5.01 -0.02
N ASN B 133 -9.86 -4.84 -1.25
CA ASN B 133 -9.70 -3.52 -1.84
C ASN B 133 -10.40 -3.41 -3.19
N GLN B 134 -10.63 -2.16 -3.63
CA GLN B 134 -10.93 -1.87 -5.03
C GLN B 134 -9.61 -1.40 -5.64
N TRP B 135 -9.11 -2.20 -6.58
CA TRP B 135 -7.85 -1.89 -7.26
C TRP B 135 -8.18 -1.19 -8.58
N MET B 136 -7.40 -0.15 -8.90
CA MET B 136 -7.44 0.49 -10.22
C MET B 136 -6.10 0.21 -10.87
N ILE B 137 -6.11 -0.29 -12.12
CA ILE B 137 -4.88 -0.51 -12.88
CA ILE B 137 -4.85 -0.45 -12.86
C ILE B 137 -4.96 0.39 -14.11
N VAL B 138 -4.08 1.38 -14.19
CA VAL B 138 -4.04 2.29 -15.31
C VAL B 138 -2.88 1.87 -16.20
N ASP B 139 -3.17 1.64 -17.48
CA ASP B 139 -2.12 1.22 -18.39
C ASP B 139 -1.79 2.40 -19.33
N TYR B 140 -0.71 3.11 -19.05
CA TYR B 140 -0.38 4.28 -19.86
C TYR B 140 0.03 3.89 -21.27
N LYS B 141 0.39 2.62 -21.49
CA LYS B 141 0.74 2.18 -22.85
C LYS B 141 -0.47 2.30 -23.77
N ALA B 142 -1.67 2.26 -23.20
CA ALA B 142 -2.93 2.35 -23.97
C ALA B 142 -3.47 3.79 -24.04
N PHE B 143 -2.79 4.71 -23.38
CA PHE B 143 -3.22 6.09 -23.37
C PHE B 143 -2.52 6.90 -24.46
N LEU B 144 -3.31 7.47 -25.37
CA LEU B 144 -2.76 8.41 -26.37
C LEU B 144 -3.17 9.84 -26.05
N PRO B 145 -2.21 10.70 -25.70
CA PRO B 145 -2.59 12.10 -25.43
C PRO B 145 -3.36 12.68 -26.62
N ASN B 146 -4.48 13.35 -26.31
CA ASN B 146 -5.35 14.01 -27.30
C ASN B 146 -6.21 13.03 -28.09
N GLY B 147 -5.99 11.74 -27.88
CA GLY B 147 -6.72 10.74 -28.64
C GLY B 147 -8.11 10.50 -28.12
N PRO B 148 -8.96 9.87 -28.95
CA PRO B 148 -10.31 9.50 -28.53
C PRO B 148 -10.24 8.23 -27.67
N SER B 149 -11.35 7.80 -27.08
CA SER B 149 -11.36 6.52 -26.34
C SER B 149 -10.87 5.38 -27.22
N PRO B 150 -9.92 4.57 -26.71
CA PRO B 150 -9.52 3.35 -27.40
C PRO B 150 -10.44 2.19 -27.11
N GLY B 151 -11.41 2.42 -26.23
CA GLY B 151 -12.44 1.44 -25.94
C GLY B 151 -12.06 0.41 -24.90
N SER B 152 -10.77 0.18 -24.71
CA SER B 152 -10.29 -0.83 -23.77
C SER B 152 -8.87 -0.52 -23.32
N ARG B 153 -8.47 -1.28 -22.28
CA ARG B 153 -7.07 -1.38 -21.85
CA ARG B 153 -7.10 -1.39 -21.80
C ARG B 153 -6.57 -0.27 -20.91
N VAL B 154 -7.16 0.93 -21.00
CA VAL B 154 -6.58 2.06 -20.23
C VAL B 154 -6.85 1.85 -18.73
N LEU B 155 -8.06 1.46 -18.38
CA LEU B 155 -8.44 1.33 -16.95
C LEU B 155 -9.11 -0.01 -16.69
N THR B 156 -8.56 -0.74 -15.73
CA THR B 156 -9.15 -1.99 -15.28
C THR B 156 -9.49 -1.80 -13.80
N ILE B 157 -10.66 -2.28 -13.40
CA ILE B 157 -11.08 -2.15 -11.99
C ILE B 157 -11.32 -3.59 -11.49
N LEU B 158 -10.77 -3.86 -10.32
CA LEU B 158 -10.90 -5.17 -9.65
C LEU B 158 -11.36 -4.94 -8.22
N GLU B 159 -12.38 -5.69 -7.78
CA GLU B 159 -12.80 -5.60 -6.39
C GLU B 159 -12.74 -7.00 -5.77
N GLN B 160 -12.20 -7.06 -4.56
CA GLN B 160 -12.01 -8.35 -3.87
C GLN B 160 -12.79 -8.31 -2.55
N ILE B 161 -13.59 -9.36 -2.27
CA ILE B 161 -14.03 -9.65 -0.91
C ILE B 161 -13.79 -11.18 -0.70
N PRO B 162 -14.01 -11.70 0.52
CA PRO B 162 -13.73 -13.15 0.66
C PRO B 162 -14.63 -13.97 -0.28
N GLY B 163 -14.02 -14.90 -1.01
CA GLY B 163 -14.77 -15.75 -1.92
C GLY B 163 -15.20 -15.15 -3.26
N MET B 164 -14.89 -13.87 -3.53
CA MET B 164 -15.40 -13.27 -4.77
C MET B 164 -14.45 -12.17 -5.24
N VAL B 165 -14.09 -12.20 -6.52
CA VAL B 165 -13.31 -11.12 -7.12
C VAL B 165 -14.02 -10.79 -8.42
N VAL B 166 -14.28 -9.51 -8.65
CA VAL B 166 -14.93 -9.08 -9.88
C VAL B 166 -14.01 -8.11 -10.58
N VAL B 167 -13.92 -8.28 -11.90
CA VAL B 167 -12.97 -7.49 -12.69
C VAL B 167 -13.70 -6.95 -13.91
N ALA B 168 -13.42 -5.70 -14.30
CA ALA B 168 -14.00 -5.18 -15.54
C ALA B 168 -13.09 -4.13 -16.13
N ASP B 169 -13.06 -4.04 -17.45
CA ASP B 169 -12.33 -2.95 -18.12
C ASP B 169 -13.31 -1.76 -18.10
N LYS B 170 -12.87 -0.65 -17.52
CA LYS B 170 -13.73 0.53 -17.36
C LYS B 170 -13.25 1.70 -18.22
N THR B 171 -12.50 1.41 -19.29
CA THR B 171 -11.97 2.46 -20.15
C THR B 171 -13.13 3.29 -20.73
N ALA B 172 -14.18 2.64 -21.21
CA ALA B 172 -15.27 3.39 -21.86
C ALA B 172 -15.91 4.36 -20.86
N GLU B 173 -16.11 3.87 -19.63
CA GLU B 173 -16.72 4.66 -18.58
C GLU B 173 -15.82 5.84 -18.20
N LEU B 174 -14.51 5.61 -18.15
CA LEU B 174 -13.58 6.71 -17.85
C LEU B 174 -13.66 7.76 -18.94
N TYR B 175 -13.69 7.33 -20.19
CA TYR B 175 -13.76 8.33 -21.27
C TYR B 175 -15.11 9.03 -21.33
N LYS B 176 -16.17 8.34 -20.94
CA LYS B 176 -17.50 8.93 -20.99
C LYS B 176 -17.65 10.00 -19.90
N THR B 177 -17.23 9.69 -18.66
CA THR B 177 -17.48 10.63 -17.52
C THR B 177 -16.29 11.57 -17.32
N THR B 178 -15.14 11.16 -17.88
CA THR B 178 -13.82 11.82 -17.79
C THR B 178 -13.09 11.60 -16.43
N TYR B 179 -13.65 10.78 -15.55
CA TYR B 179 -12.91 10.46 -14.31
C TYR B 179 -13.33 9.14 -13.72
N TRP B 180 -12.49 8.65 -12.81
CA TRP B 180 -12.85 7.48 -11.99
C TRP B 180 -12.42 7.84 -10.58
N ALA B 181 -13.36 7.92 -9.66
CA ALA B 181 -13.01 8.23 -8.24
C ALA B 181 -13.19 6.98 -7.40
N SER B 182 -12.40 6.87 -6.34
CA SER B 182 -12.50 5.73 -5.45
C SER B 182 -12.43 6.27 -4.00
N TYR B 183 -13.22 5.64 -3.12
CA TYR B 183 -13.42 6.22 -1.78
C TYR B 183 -13.98 5.14 -0.83
N ASN B 184 -13.35 3.96 -0.84
CA ASN B 184 -13.64 2.90 0.14
C ASN B 184 -15.02 2.23 0.06
N ILE B 185 -15.70 2.37 -1.06
CA ILE B 185 -17.00 1.72 -1.25
C ILE B 185 -16.98 1.00 -2.60
N PRO B 186 -17.39 -0.29 -2.62
CA PRO B 186 -17.28 -1.01 -3.91
C PRO B 186 -18.23 -0.48 -4.96
N TYR B 187 -17.71 -0.39 -6.19
CA TYR B 187 -18.48 0.02 -7.37
C TYR B 187 -19.37 -1.10 -7.89
N PHE B 188 -18.88 -2.34 -7.88
CA PHE B 188 -19.68 -3.43 -8.45
C PHE B 188 -20.84 -3.77 -7.54
N GLU B 189 -22.07 -3.74 -8.09
CA GLU B 189 -23.25 -4.02 -7.28
C GLU B 189 -23.24 -5.40 -6.62
N THR B 190 -22.74 -6.42 -7.32
CA THR B 190 -22.68 -7.73 -6.69
C THR B 190 -21.79 -7.76 -5.45
N VAL B 191 -20.71 -6.98 -5.49
CA VAL B 191 -19.75 -6.91 -4.36
C VAL B 191 -20.34 -6.07 -3.22
N PHE B 192 -20.92 -4.93 -3.59
CA PHE B 192 -21.61 -4.07 -2.61
C PHE B 192 -22.66 -4.90 -1.83
N ASN B 193 -23.48 -5.67 -2.56
CA ASN B 193 -24.52 -6.48 -1.91
C ASN B 193 -23.94 -7.66 -1.11
N ALA B 194 -22.97 -8.37 -1.66
CA ALA B 194 -22.43 -9.56 -0.98
C ALA B 194 -21.71 -9.15 0.31
N SER B 195 -21.18 -7.93 0.35
CA SER B 195 -20.34 -7.55 1.50
C SER B 195 -21.13 -6.86 2.60
N GLY B 196 -22.45 -6.82 2.45
CA GLY B 196 -23.30 -6.39 3.56
C GLY B 196 -23.59 -4.91 3.63
N LEU B 197 -23.30 -4.18 2.57
CA LEU B 197 -23.48 -2.73 2.65
C LEU B 197 -24.92 -2.25 2.56
N GLN B 198 -25.81 -3.05 1.98
CA GLN B 198 -27.22 -2.63 1.89
C GLN B 198 -27.80 -2.41 3.29
N ALA B 199 -27.41 -3.25 4.25
CA ALA B 199 -27.97 -3.15 5.61
C ALA B 199 -27.50 -1.85 6.25
N LEU B 200 -26.25 -1.47 5.93
CA LEU B 200 -25.68 -0.26 6.48
C LEU B 200 -26.33 0.99 5.89
N VAL B 201 -26.58 0.99 4.57
CA VAL B 201 -27.36 2.07 3.93
C VAL B 201 -28.76 2.13 4.61
N ALA B 202 -29.38 0.97 4.82
CA ALA B 202 -30.73 0.96 5.44
C ALA B 202 -30.72 1.57 6.82
N GLN B 203 -29.66 1.29 7.60
CA GLN B 203 -29.57 1.72 8.99
C GLN B 203 -29.14 3.17 9.12
N TYR B 204 -28.14 3.56 8.33
CA TYR B 204 -27.45 4.84 8.55
C TYR B 204 -27.53 5.80 7.38
N GLY B 205 -28.00 5.35 6.22
CA GLY B 205 -28.21 6.27 5.12
C GLY B 205 -27.05 6.41 4.15
N ASP B 206 -27.02 7.56 3.49
CA ASP B 206 -26.18 7.80 2.29
C ASP B 206 -24.67 7.72 2.55
N TRP B 207 -24.22 7.79 3.81
CA TRP B 207 -22.78 7.70 4.07
C TRP B 207 -22.22 6.38 3.54
N PHE B 208 -23.07 5.35 3.46
CA PHE B 208 -22.64 4.05 2.97
C PHE B 208 -23.05 3.75 1.52
N SER B 209 -23.71 4.71 0.87
CA SER B 209 -24.15 4.60 -0.52
CA SER B 209 -24.13 4.52 -0.51
C SER B 209 -22.96 4.83 -1.46
N TYR B 210 -22.89 4.11 -2.56
CA TYR B 210 -21.81 4.30 -3.50
C TYR B 210 -21.87 5.71 -4.17
N THR B 211 -23.07 6.16 -4.53
CA THR B 211 -23.18 7.40 -5.31
C THR B 211 -23.47 8.62 -4.45
N LYS B 212 -23.99 8.43 -3.23
CA LYS B 212 -24.48 9.54 -2.42
C LYS B 212 -23.69 9.86 -1.14
N ASN B 213 -22.61 9.12 -0.88
CA ASN B 213 -21.79 9.45 0.28
C ASN B 213 -21.04 10.79 0.08
N PRO B 214 -20.57 11.43 1.17
CA PRO B 214 -19.93 12.76 1.06
C PRO B 214 -18.75 12.84 0.05
N ARG B 215 -17.83 11.89 0.07
CA ARG B 215 -16.73 11.97 -0.90
C ARG B 215 -17.21 11.81 -2.33
N ALA B 216 -18.11 10.86 -2.56
CA ALA B 216 -18.69 10.75 -3.91
C ALA B 216 -19.30 12.08 -4.36
N LYS B 217 -20.02 12.74 -3.46
CA LYS B 217 -20.68 14.02 -3.83
C LYS B 217 -19.66 15.13 -4.07
N ILE B 218 -18.60 15.15 -3.26
CA ILE B 218 -17.56 16.18 -3.42
C ILE B 218 -16.83 15.94 -4.77
N PHE B 219 -16.48 14.70 -5.08
CA PHE B 219 -15.88 14.44 -6.40
C PHE B 219 -16.83 14.82 -7.54
N GLN B 220 -18.10 14.46 -7.43
CA GLN B 220 -19.06 14.82 -8.47
C GLN B 220 -19.12 16.34 -8.68
N ARG B 221 -19.08 17.09 -7.58
CA ARG B 221 -19.19 18.54 -7.62
C ARG B 221 -17.93 19.16 -8.20
N ASP B 222 -16.77 18.62 -7.82
CA ASP B 222 -15.48 19.34 -7.98
C ASP B 222 -14.43 18.72 -8.94
N GLN B 223 -14.63 17.49 -9.38
CA GLN B 223 -13.54 16.82 -10.14
C GLN B 223 -13.21 17.57 -11.43
N SER B 224 -14.21 18.24 -12.02
CA SER B 224 -13.92 18.92 -13.30
C SER B 224 -12.96 20.09 -13.14
N LEU B 225 -12.77 20.57 -11.91
CA LEU B 225 -11.85 21.66 -11.70
C LEU B 225 -10.41 21.17 -11.73
N VAL B 226 -10.19 19.87 -11.81
CA VAL B 226 -8.84 19.36 -11.88
C VAL B 226 -8.38 19.53 -13.32
N GLU B 227 -7.60 20.57 -13.55
CA GLU B 227 -7.22 20.92 -14.93
C GLU B 227 -5.71 20.72 -15.12
N ASP B 228 -5.03 20.38 -14.03
CA ASP B 228 -3.56 20.19 -14.02
C ASP B 228 -3.09 19.54 -12.72
N MET B 229 -1.80 19.24 -12.64
CA MET B 229 -1.26 18.55 -11.44
C MET B 229 -1.54 19.30 -10.15
N ASP B 230 -1.28 20.61 -10.14
CA ASP B 230 -1.54 21.37 -8.94
C ASP B 230 -3.00 21.33 -8.50
N ALA B 231 -3.93 21.42 -9.45
CA ALA B 231 -5.35 21.35 -9.14
C ALA B 231 -5.68 19.96 -8.56
N MET B 232 -5.00 18.93 -9.10
CA MET B 232 -5.19 17.57 -8.57
C MET B 232 -4.76 17.51 -7.10
N VAL B 233 -3.58 18.04 -6.80
CA VAL B 233 -3.10 18.04 -5.42
C VAL B 233 -4.11 18.76 -4.53
N ARG B 234 -4.63 19.92 -4.97
CA ARG B 234 -5.57 20.69 -4.16
C ARG B 234 -6.84 19.88 -3.83
N LEU B 235 -7.39 19.19 -4.83
CA LEU B 235 -8.58 18.38 -4.58
C LEU B 235 -8.25 17.20 -3.66
N MET B 236 -7.11 16.56 -3.90
CA MET B 236 -6.79 15.35 -3.11
C MET B 236 -6.47 15.72 -1.64
N ARG B 237 -6.05 16.96 -1.41
CA ARG B 237 -5.86 17.48 -0.04
C ARG B 237 -7.10 18.15 0.53
N TYR B 238 -8.23 18.07 -0.16
CA TYR B 238 -9.36 18.92 0.21
C TYR B 238 -10.08 18.54 1.49
N ASN B 239 -10.20 19.50 2.41
CA ASN B 239 -11.02 19.33 3.60
C ASN B 239 -11.38 20.73 4.07
N ASP B 240 -12.63 21.11 3.92
CA ASP B 240 -13.07 22.45 4.44
C ASP B 240 -14.32 22.16 5.25
N PHE B 241 -14.20 21.17 6.16
CA PHE B 241 -15.39 20.56 6.74
C PHE B 241 -16.24 21.55 7.54
N LEU B 242 -15.61 22.63 8.02
CA LEU B 242 -16.43 23.58 8.83
C LEU B 242 -17.37 24.39 7.98
N HIS B 243 -17.10 24.46 6.67
CA HIS B 243 -17.86 25.33 5.80
C HIS B 243 -18.54 24.63 4.64
N ASP B 244 -18.14 23.41 4.35
CA ASP B 244 -18.68 22.70 3.20
C ASP B 244 -19.97 21.99 3.58
N PRO B 245 -21.07 22.31 2.90
CA PRO B 245 -22.34 21.65 3.23
C PRO B 245 -22.26 20.13 3.04
N LEU B 246 -21.41 19.67 2.11
CA LEU B 246 -21.27 18.21 1.91
C LEU B 246 -20.60 17.50 3.08
N SER B 247 -19.97 18.27 3.97
CA SER B 247 -19.34 17.70 5.16
C SER B 247 -20.27 17.58 6.37
N LEU B 248 -21.52 18.05 6.24
CA LEU B 248 -22.49 17.97 7.36
C LEU B 248 -22.97 16.54 7.58
N CYS B 249 -22.98 16.11 8.83
CA CYS B 249 -23.53 14.83 9.20
C CYS B 249 -24.77 15.16 10.01
N GLU B 250 -25.95 14.95 9.44
CA GLU B 250 -27.18 15.38 10.12
C GLU B 250 -27.43 14.63 11.44
N ALA B 251 -26.91 13.42 11.55
CA ALA B 251 -27.06 12.62 12.77
C ALA B 251 -26.04 12.96 13.85
N CYS B 252 -25.08 13.85 13.56
CA CYS B 252 -24.02 14.17 14.51
C CYS B 252 -24.27 15.49 15.22
N ASN B 253 -23.66 15.63 16.39
CA ASN B 253 -23.63 16.90 17.08
C ASN B 253 -22.21 17.06 17.56
N PRO B 254 -21.47 18.03 16.99
CA PRO B 254 -21.89 19.02 16.00
C PRO B 254 -22.11 18.40 14.62
N LYS B 255 -22.72 19.11 13.69
CA LYS B 255 -23.01 18.50 12.38
C LYS B 255 -21.80 18.43 11.44
N PRO B 256 -20.98 19.51 11.34
CA PRO B 256 -19.82 19.33 10.43
C PRO B 256 -18.90 18.24 10.97
N ASN B 257 -18.44 17.36 10.08
CA ASN B 257 -17.54 16.30 10.54
C ASN B 257 -16.31 16.21 9.62
N ALA B 258 -15.15 16.21 10.24
CA ALA B 258 -13.89 16.31 9.53
C ALA B 258 -13.53 15.00 8.82
N GLU B 259 -14.33 13.95 9.00
CA GLU B 259 -14.14 12.68 8.26
C GLU B 259 -14.72 12.80 6.84
N ASN B 260 -15.57 13.81 6.66
CA ASN B 260 -16.40 13.89 5.45
C ASN B 260 -15.72 14.84 4.46
N ALA B 261 -14.60 14.40 3.91
CA ALA B 261 -13.72 15.25 3.10
C ALA B 261 -12.92 14.31 2.21
N ILE B 262 -12.27 14.85 1.18
CA ILE B 262 -11.37 14.03 0.39
C ILE B 262 -10.18 13.56 1.24
N SER B 263 -9.64 14.46 2.10
CA SER B 263 -8.51 14.14 3.01
C SER B 263 -8.96 14.32 4.47
N ALA B 264 -9.36 13.22 5.13
CA ALA B 264 -9.99 13.30 6.48
C ALA B 264 -9.05 13.92 7.53
N ARG B 265 -9.60 14.62 8.53
CA ARG B 265 -8.79 15.11 9.68
C ARG B 265 -9.61 14.75 10.93
N SER B 266 -9.64 13.48 11.29
CA SER B 266 -10.52 13.02 12.38
C SER B 266 -10.06 13.60 13.73
N ASP B 267 -8.82 14.06 13.80
CA ASP B 267 -8.28 14.65 15.04
C ASP B 267 -9.01 15.94 15.39
N LEU B 268 -9.63 16.55 14.38
CA LEU B 268 -10.34 17.84 14.54
C LEU B 268 -11.80 17.72 14.99
N ASN B 269 -12.34 16.50 15.04
CA ASN B 269 -13.69 16.34 15.53
C ASN B 269 -13.63 16.42 17.06
N PRO B 270 -14.64 17.02 17.69
CA PRO B 270 -14.57 17.08 19.16
C PRO B 270 -14.69 15.75 19.89
N ALA B 271 -13.93 15.59 20.97
CA ALA B 271 -13.94 14.35 21.74
C ALA B 271 -15.29 14.10 22.43
N ASN B 272 -16.04 15.16 22.71
CA ASN B 272 -17.34 15.00 23.37
C ASN B 272 -18.49 15.12 22.39
N GLY B 273 -18.21 14.95 21.10
CA GLY B 273 -19.28 14.99 20.12
C GLY B 273 -20.17 13.76 20.20
N SER B 274 -21.33 13.88 19.58
CA SER B 274 -22.25 12.78 19.50
C SER B 274 -22.21 12.28 18.05
N TYR B 275 -21.83 11.01 17.88
CA TYR B 275 -21.65 10.41 16.55
C TYR B 275 -22.39 9.08 16.43
N PRO B 276 -23.02 8.82 15.27
CA PRO B 276 -23.78 7.56 15.11
C PRO B 276 -22.96 6.29 14.92
N PHE B 277 -21.70 6.40 14.48
CA PHE B 277 -20.81 5.25 14.33
C PHE B 277 -19.33 5.68 14.43
N GLN B 278 -18.47 4.70 14.68
CA GLN B 278 -17.09 4.99 15.08
CA GLN B 278 -17.07 4.92 15.04
C GLN B 278 -16.26 5.77 14.06
N ALA B 279 -16.52 5.61 12.76
CA ALA B 279 -15.67 6.28 11.77
C ALA B 279 -15.72 7.81 11.92
N LEU B 280 -16.82 8.30 12.51
CA LEU B 280 -17.04 9.70 12.65
C LEU B 280 -16.45 10.30 13.94
N HIS B 281 -15.91 9.46 14.82
CA HIS B 281 -15.30 9.96 16.07
C HIS B 281 -14.05 10.82 15.89
N GLN B 282 -13.65 11.46 17.01
CA GLN B 282 -12.32 12.04 17.07
C GLN B 282 -11.35 10.85 17.08
N ARG B 283 -10.34 10.90 16.24
CA ARG B 283 -9.41 9.77 16.07
C ARG B 283 -8.08 10.37 15.61
N ALA B 284 -6.96 9.72 15.94
CA ALA B 284 -5.67 10.19 15.42
C ALA B 284 -5.48 9.51 14.04
N HIS B 285 -6.32 9.90 13.08
CA HIS B 285 -6.42 9.15 11.84
C HIS B 285 -6.94 10.13 10.80
N GLY B 286 -6.56 9.93 9.53
CA GLY B 286 -7.07 10.79 8.48
C GLY B 286 -6.17 10.68 7.25
N GLY B 287 -6.37 11.55 6.28
CA GLY B 287 -5.47 11.58 5.11
C GLY B 287 -4.08 11.92 5.55
N ILE B 288 -3.10 11.11 5.15
CA ILE B 288 -1.71 11.35 5.58
C ILE B 288 -0.72 11.61 4.44
N ASP B 289 -1.21 11.62 3.20
CA ASP B 289 -0.31 11.96 2.10
C ASP B 289 -1.13 12.22 0.83
N VAL B 290 -0.44 12.61 -0.24
CA VAL B 290 -1.03 12.51 -1.57
CA VAL B 290 -1.03 12.63 -1.58
C VAL B 290 0.12 12.20 -2.52
N LYS B 291 -0.15 11.36 -3.50
CA LYS B 291 0.84 11.10 -4.58
C LYS B 291 0.09 11.35 -5.90
N VAL B 292 0.74 12.00 -6.86
CA VAL B 292 0.06 12.21 -8.13
C VAL B 292 1.05 11.92 -9.25
N THR B 293 0.61 11.27 -10.32
CA THR B 293 1.49 11.15 -11.48
C THR B 293 0.68 11.46 -12.75
N SER B 294 1.38 11.47 -13.89
CA SER B 294 0.77 11.82 -15.18
C SER B 294 1.42 10.93 -16.23
N PHE B 295 0.92 11.01 -17.47
CA PHE B 295 1.53 10.25 -18.55
C PHE B 295 3.04 10.52 -18.63
N THR B 296 3.45 11.79 -18.67
CA THR B 296 4.89 12.05 -18.73
C THR B 296 5.67 11.74 -17.46
N LEU B 297 5.13 12.12 -16.30
CA LEU B 297 5.84 11.82 -15.09
C LEU B 297 6.07 10.32 -14.94
N ALA B 298 5.04 9.52 -15.20
CA ALA B 298 5.13 8.04 -15.03
C ALA B 298 6.18 7.46 -15.98
N LYS B 299 6.24 8.02 -17.17
CA LYS B 299 7.26 7.61 -18.15
C LYS B 299 8.67 7.72 -17.57
N TYR B 300 8.89 8.76 -16.75
CA TYR B 300 10.15 8.97 -16.04
C TYR B 300 10.16 8.47 -14.59
N MET B 301 9.24 7.54 -14.28
CA MET B 301 9.17 6.94 -12.95
C MET B 301 9.16 8.01 -11.86
N SER B 302 8.35 9.03 -12.07
CA SER B 302 8.31 10.21 -11.20
CA SER B 302 8.30 10.17 -11.16
C SER B 302 6.89 10.47 -10.71
N MET B 303 6.78 11.17 -9.57
CA MET B 303 5.51 11.61 -9.04
C MET B 303 5.71 12.90 -8.29
N LEU B 304 4.59 13.58 -7.98
CA LEU B 304 4.56 14.65 -6.99
C LEU B 304 4.01 14.01 -5.72
N ALA B 305 4.60 14.29 -4.57
CA ALA B 305 4.14 13.65 -3.34
C ALA B 305 4.17 14.65 -2.20
N ALA B 306 3.16 14.59 -1.35
CA ALA B 306 3.11 15.47 -0.16
C ALA B 306 2.85 14.60 1.06
N SER B 307 3.62 14.83 2.13
CA SER B 307 3.52 14.00 3.30
C SER B 307 2.81 14.72 4.45
N GLY B 308 1.89 14.03 5.10
CA GLY B 308 1.26 14.53 6.31
C GLY B 308 -0.19 14.95 6.11
N PRO B 309 -0.90 15.20 7.22
CA PRO B 309 -2.33 15.55 7.14
C PRO B 309 -2.51 16.90 6.44
N THR B 310 -3.67 17.11 5.83
CA THR B 310 -3.90 18.31 5.03
C THR B 310 -3.92 19.56 5.90
N TRP B 311 -3.35 20.63 5.38
CA TRP B 311 -3.36 21.93 6.08
C TRP B 311 -3.68 23.08 5.11
N ASP B 312 -4.33 22.75 3.97
CA ASP B 312 -4.73 23.77 3.01
C ASP B 312 -5.75 24.73 3.62
N GLN B 313 -6.75 24.18 4.28
CA GLN B 313 -7.82 24.97 4.88
C GLN B 313 -8.06 24.56 6.33
N CYS B 314 -7.38 23.52 6.80
CA CYS B 314 -7.43 23.10 8.18
C CYS B 314 -6.13 23.54 8.83
N PRO B 315 -6.12 23.73 10.17
CA PRO B 315 -4.87 24.06 10.83
C PRO B 315 -3.94 22.84 10.77
N PRO B 316 -2.62 23.07 10.56
CA PRO B 316 -1.67 21.95 10.46
C PRO B 316 -1.70 21.08 11.69
N PHE B 317 -1.58 19.77 11.48
CA PHE B 317 -1.52 18.85 12.59
C PHE B 317 -0.21 19.05 13.33
N GLN B 318 -0.27 19.05 14.66
CA GLN B 318 0.96 19.15 15.46
C GLN B 318 0.81 18.26 16.69
N TRP B 319 1.68 17.25 16.84
CA TRP B 319 1.53 16.24 17.87
C TRP B 319 1.39 16.87 19.24
N SER B 320 2.32 17.77 19.54
CA SER B 320 2.39 18.36 20.89
C SER B 320 1.20 19.27 21.20
N LYS B 321 0.50 19.74 20.16
CA LYS B 321 -0.71 20.54 20.32
C LYS B 321 -1.90 19.79 19.74
N SER B 322 -2.02 18.51 20.08
CA SER B 322 -3.16 17.73 19.67
C SER B 322 -3.60 16.95 20.88
N PRO B 323 -4.79 16.33 20.82
CA PRO B 323 -5.22 15.41 21.89
C PRO B 323 -4.32 14.18 22.02
N PHE B 324 -3.38 14.00 21.09
CA PHE B 324 -2.68 12.73 20.94
C PHE B 324 -1.18 12.81 21.26
N HIS B 325 -0.81 13.87 21.97
CA HIS B 325 0.59 14.16 22.27
C HIS B 325 1.33 13.02 22.99
N SER B 326 0.61 12.15 23.69
CA SER B 326 1.24 11.05 24.43
CA SER B 326 1.25 11.05 24.43
C SER B 326 1.51 9.78 23.61
N MET B 327 0.91 9.68 22.42
CA MET B 327 1.16 8.53 21.59
C MET B 327 2.60 8.50 21.09
N LEU B 328 3.16 7.30 20.97
CA LEU B 328 4.51 7.19 20.45
C LEU B 328 4.55 7.64 19.00
N HIS B 329 5.51 8.51 18.67
CA HIS B 329 5.72 8.94 17.28
C HIS B 329 7.20 9.20 17.04
N MET B 330 8.04 8.24 17.48
CA MET B 330 9.49 8.35 17.34
C MET B 330 9.91 8.66 15.93
N GLY B 331 10.81 9.62 15.78
CA GLY B 331 11.33 9.96 14.46
C GLY B 331 10.50 10.94 13.65
N GLN B 332 9.28 11.18 14.09
CA GLN B 332 8.38 12.05 13.30
C GLN B 332 8.57 13.49 13.66
N PRO B 333 8.42 14.39 12.68
CA PRO B 333 8.27 15.82 13.00
C PRO B 333 7.10 16.06 13.98
N ASP B 334 7.23 17.10 14.81
CA ASP B 334 6.13 17.51 15.65
C ASP B 334 5.04 18.18 14.80
N LEU B 335 5.43 19.20 14.04
CA LEU B 335 4.47 19.98 13.25
C LEU B 335 4.52 19.47 11.83
N TRP B 336 3.34 19.29 11.25
CA TRP B 336 3.25 18.75 9.88
C TRP B 336 2.72 19.84 8.97
N MET B 337 3.63 20.52 8.30
CA MET B 337 3.29 21.61 7.41
CA MET B 337 3.24 21.58 7.38
C MET B 337 4.11 21.48 6.12
N PHE B 338 4.12 20.29 5.51
CA PHE B 338 4.97 20.07 4.33
C PHE B 338 4.22 20.32 3.04
N SER B 339 4.94 20.77 2.01
CA SER B 339 4.33 20.99 0.70
C SER B 339 4.75 19.86 -0.23
N PRO B 340 4.06 19.71 -1.37
CA PRO B 340 4.42 18.62 -2.29
C PRO B 340 5.84 18.78 -2.82
N ILE B 341 6.50 17.67 -3.08
CA ILE B 341 7.81 17.68 -3.70
C ILE B 341 7.79 16.74 -4.90
N ARG B 342 8.68 16.98 -5.86
CA ARG B 342 8.84 16.06 -6.99
C ARG B 342 9.79 14.94 -6.60
N VAL B 343 9.39 13.71 -6.88
CA VAL B 343 10.14 12.56 -6.43
C VAL B 343 10.29 11.63 -7.61
N PRO B 344 11.54 11.40 -8.08
CA PRO B 344 12.79 11.79 -7.42
C PRO B 344 13.17 13.24 -7.70
#